data_8V93
#
_entry.id   8V93
#
_cell.length_a   1.00
_cell.length_b   1.00
_cell.length_c   1.00
_cell.angle_alpha   90.00
_cell.angle_beta   90.00
_cell.angle_gamma   90.00
#
_symmetry.space_group_name_H-M   'P 1'
#
loop_
_entity.id
_entity.type
_entity.pdbx_description
1 polymer 'Fab 454-3 heavy chain'
2 polymer 'Fab 329-2 heavy chain'
3 polymer 'Fab 454-3 light chain'
4 polymer "Type 1 fimbrin D-mannose specific adhesin FimH, Donor strand complemented with FimG peptide 'triple mutant'"
5 polymer 'Fab 329-2 light chain'
#
loop_
_entity_poly.entity_id
_entity_poly.type
_entity_poly.pdbx_seq_one_letter_code
_entity_poly.pdbx_strand_id
1 'polypeptide(L)'
;QVQLQQSGSELAKPGASVKLSCKASGYTFTRYWMHWVKQRPGQGLEWIGYSNPSSGYTNFNQKFKDKAALTADTSSNTAY
IQLNGLTFEDSAVYFCARDGDPPFVYWGQGTLVTVSAAKTTAPSVYPLAPVCGDTTGSSVTLGCLVKGYFPEPVTLTWNS
GSLSSGVHTFPAVLQSDLYTLSSSVTVTSSTWPSQSITCNVAHPASSTKVDKKIGGGHHHHHH
;
A
2 'polypeptide(L)'
;EVKLVESGGGLVKPGGSLKLSCTASGFTFSDNGMAWVRQVPGKGPEWVASITNLAFSVYYSDTVTGRFTISRDNAKNTLA
LEMSSLRSEDTAIYYCARLYGDYPYYFDYWGQGTALTVSSAKTTAPSVYPLAPVCGDTTGSSVTLGCLVKGYFPEPVTLT
WNSGSLSSGVHTFPAVLQSDLYTLSSSVTVTSSTWPSQSITCNVAHPASSTKVDKKIGGGHHHHHH
;
B
3 'polypeptide(L)'
;DIQMTQSPASLSASVGETVTITCRASENIYSNLAWYQQKQGKSPQLLVDGATNLADGVPSRFSGSGSGTQFSLKINSVQS
EDFGNYYCQHFYGTPFTFGTGTKLEMKRADAAPTVSIFPPSSEQLTSGGASVVCFLNNFYPKDINVKWKIDGSERQNGVL
NSWTDQDSKDSTYSMSSTLTLTKDEYERHNSYTCEATHKTSTSPIVKSFNRNEC
;
C
4 'polypeptide(L)'
;FACKTASGTAIPIGAASANVYVNLAPAVNVGQNLVVDLSTQIFCHNDYPETITDYVTLQRGSAYGGVLSSFSGTVKYSGS
SYPFPTTSETPRVVYNSRTDKPWPVALYLTPVSSAGGVAIKAGSLIAVLILRQTNNYNSDDFQFVWNIYANNDVVVPTGG
CDVSARDVTVTLPDYPGSVPIPLTVYCAKSQNLGYYLSGTTADAGNSIFTNTASFSPAQGVGVQLTRQGTIIPANNTVSL
GAVGTSAVSLGLTANYARTGGQVTAGNVQSIIGVTFVYQGGSSGGGADVTITVNGKVVAKGGHHHHHHHH
;
D
5 'polypeptide(L)'
;DIVLTQSPATLSVTPGESVSLFCRASQTIGNSLHWYQQKSHESPRLLIKYSSLSISGIPSRFSGSGSGTDFTLSINSVET
EDFGVFFCQQSHNWPITFGAGTKLELRRADAAPTVSIFPPSSEQLTSGGASVVCFLNNFYPKDINVKWKIDGSERQNGVL
NSWTDQDSKDSTYSMSSTLTLTKDEYERHNSYTCEATHKTSTSPIVKSFNRNEC
;
L
#
# COMPACT_ATOMS: atom_id res chain seq x y z
N GLN A 1 -7.00 -4.26 -32.50
CA GLN A 1 -6.35 -5.57 -32.48
C GLN A 1 -4.89 -5.44 -32.09
N VAL A 2 -4.47 -6.21 -31.10
CA VAL A 2 -3.09 -6.21 -30.62
C VAL A 2 -2.43 -7.51 -31.06
N GLN A 3 -1.33 -7.42 -31.81
CA GLN A 3 -0.58 -8.59 -32.26
C GLN A 3 0.91 -8.26 -32.28
N LEU A 4 1.73 -9.30 -32.28
CA LEU A 4 3.18 -9.19 -32.33
C LEU A 4 3.68 -9.96 -33.55
N GLN A 5 4.78 -9.51 -34.16
CA GLN A 5 5.46 -10.34 -35.15
C GLN A 5 6.95 -10.10 -35.03
N GLN A 6 7.76 -11.02 -35.56
CA GLN A 6 9.17 -11.06 -35.22
C GLN A 6 10.02 -11.21 -36.47
N SER A 7 11.33 -11.28 -36.28
CA SER A 7 12.28 -11.33 -37.37
C SER A 7 12.41 -12.75 -37.94
N GLY A 8 13.18 -12.85 -39.02
CA GLY A 8 13.31 -14.10 -39.74
C GLY A 8 14.33 -15.04 -39.13
N SER A 9 14.71 -16.04 -39.92
CA SER A 9 15.73 -16.97 -39.50
C SER A 9 17.13 -16.37 -39.68
N GLU A 10 17.87 -16.30 -38.58
CA GLU A 10 19.25 -15.87 -38.61
C GLU A 10 20.15 -17.05 -38.24
N LEU A 11 21.05 -17.40 -39.16
CA LEU A 11 22.07 -18.40 -38.90
C LEU A 11 23.39 -17.68 -38.65
N ALA A 12 24.13 -18.16 -37.66
CA ALA A 12 25.32 -17.43 -37.22
C ALA A 12 26.36 -18.44 -36.77
N LYS A 13 27.38 -17.97 -36.05
CA LYS A 13 28.49 -18.76 -35.56
C LYS A 13 28.57 -18.64 -34.03
N PRO A 14 29.04 -19.68 -33.34
CA PRO A 14 29.17 -19.59 -31.88
C PRO A 14 30.24 -18.59 -31.46
N GLY A 15 30.00 -17.95 -30.31
CA GLY A 15 30.86 -16.92 -29.80
C GLY A 15 30.53 -15.52 -30.28
N ALA A 16 29.50 -15.34 -31.08
CA ALA A 16 29.15 -14.05 -31.64
C ALA A 16 28.18 -13.31 -30.73
N SER A 17 27.87 -12.07 -31.11
CA SER A 17 26.95 -11.21 -30.38
C SER A 17 25.93 -10.63 -31.35
N VAL A 18 24.65 -10.75 -31.03
CA VAL A 18 23.59 -10.32 -31.94
C VAL A 18 22.35 -9.94 -31.13
N LYS A 19 21.66 -8.88 -31.57
CA LYS A 19 20.43 -8.39 -30.96
C LYS A 19 19.26 -8.66 -31.91
N LEU A 20 18.13 -9.10 -31.35
CA LEU A 20 17.02 -9.66 -32.11
C LEU A 20 15.87 -8.65 -32.20
N SER A 21 14.75 -9.09 -32.79
CA SER A 21 13.63 -8.21 -33.10
C SER A 21 12.31 -8.83 -32.64
N CYS A 22 11.42 -7.95 -32.14
CA CYS A 22 10.03 -8.26 -31.81
C CYS A 22 9.23 -6.98 -32.12
N LYS A 23 8.72 -6.91 -33.35
CA LYS A 23 8.06 -5.73 -33.87
C LYS A 23 6.58 -5.71 -33.47
N ALA A 24 6.11 -4.53 -33.07
CA ALA A 24 4.77 -4.29 -32.56
C ALA A 24 4.21 -2.99 -33.10
N SER A 25 2.88 -2.90 -33.05
CA SER A 25 2.17 -1.66 -33.30
C SER A 25 0.77 -1.78 -32.71
N GLY A 26 0.13 -0.63 -32.50
CA GLY A 26 -1.28 -0.58 -32.19
C GLY A 26 -1.63 -0.61 -30.72
N TYR A 27 -0.65 -0.50 -29.82
CA TYR A 27 -0.96 -0.49 -28.40
C TYR A 27 0.09 0.30 -27.67
N THR A 28 -0.27 0.73 -26.46
CA THR A 28 0.59 1.55 -25.62
C THR A 28 1.73 0.71 -25.05
N PHE A 29 2.96 0.99 -25.50
CA PHE A 29 4.07 0.05 -25.35
C PHE A 29 4.71 0.12 -23.96
N THR A 30 4.74 1.31 -23.35
CA THR A 30 5.54 1.50 -22.14
C THR A 30 4.75 1.41 -20.83
N ARG A 31 3.41 1.36 -20.88
CA ARG A 31 2.63 1.29 -19.67
C ARG A 31 2.20 -0.13 -19.34
N TYR A 32 2.65 -1.11 -20.11
CA TYR A 32 2.38 -2.51 -19.83
C TYR A 32 3.63 -3.30 -20.21
N TRP A 33 4.00 -4.24 -19.34
CA TRP A 33 5.25 -4.98 -19.48
C TRP A 33 5.11 -6.07 -20.54
N MET A 34 6.25 -6.65 -20.91
CA MET A 34 6.35 -7.78 -21.84
C MET A 34 7.17 -8.92 -21.26
N HIS A 35 6.84 -10.15 -21.64
CA HIS A 35 7.55 -11.37 -21.26
C HIS A 35 8.12 -12.10 -22.47
N TRP A 36 9.07 -12.99 -22.21
CA TRP A 36 9.84 -13.68 -23.23
C TRP A 36 9.75 -15.19 -23.01
N VAL A 37 9.77 -15.95 -24.11
CA VAL A 37 9.62 -17.40 -24.13
C VAL A 37 10.74 -17.98 -25.00
N LYS A 38 11.33 -19.09 -24.57
CA LYS A 38 12.26 -19.84 -25.42
C LYS A 38 11.67 -21.22 -25.72
N GLN A 39 11.69 -21.62 -27.00
CA GLN A 39 11.10 -22.89 -27.41
C GLN A 39 12.22 -23.82 -27.84
N ARG A 40 12.33 -24.96 -27.15
CA ARG A 40 13.33 -25.97 -27.50
C ARG A 40 12.64 -27.14 -28.17
N PRO A 41 12.97 -27.46 -29.42
CA PRO A 41 12.31 -28.58 -30.11
C PRO A 41 12.70 -29.91 -29.48
N GLY A 42 11.68 -30.68 -29.07
CA GLY A 42 11.90 -31.91 -28.34
C GLY A 42 11.88 -31.77 -26.83
N GLN A 43 11.90 -30.53 -26.32
CA GLN A 43 11.86 -30.29 -24.88
C GLN A 43 10.62 -29.51 -24.45
N GLY A 44 10.33 -28.38 -25.09
CA GLY A 44 9.15 -27.63 -24.76
C GLY A 44 9.36 -26.13 -24.59
N LEU A 45 8.49 -25.48 -23.84
CA LEU A 45 8.54 -24.05 -23.63
C LEU A 45 9.21 -23.76 -22.29
N GLU A 46 10.09 -22.75 -22.28
CA GLU A 46 10.76 -22.31 -21.08
C GLU A 46 10.70 -20.78 -20.99
N TRP A 47 10.85 -20.28 -19.77
CA TRP A 47 10.65 -18.86 -19.48
C TRP A 47 11.99 -18.16 -19.37
N ILE A 48 12.07 -16.95 -19.92
CA ILE A 48 13.31 -16.19 -19.99
C ILE A 48 13.35 -15.11 -18.92
N GLY A 49 12.44 -14.15 -19.01
CA GLY A 49 12.46 -13.01 -18.10
C GLY A 49 11.61 -11.89 -18.65
N TYR A 50 11.56 -10.80 -17.87
CA TYR A 50 10.73 -9.64 -18.20
C TYR A 50 11.39 -8.31 -17.86
N SER A 51 11.24 -7.35 -18.78
CA SER A 51 11.93 -6.06 -18.76
C SER A 51 10.94 -4.91 -18.89
N ASN A 52 11.35 -3.73 -18.42
CA ASN A 52 10.52 -2.53 -18.41
C ASN A 52 10.98 -1.56 -19.51
N PRO A 53 10.06 -1.03 -20.34
CA PRO A 53 10.47 0.05 -21.25
C PRO A 53 10.80 1.34 -20.54
N SER A 54 10.08 1.67 -19.47
CA SER A 54 10.23 2.97 -18.82
C SER A 54 11.43 3.00 -17.89
N SER A 55 11.46 2.12 -16.88
CA SER A 55 12.56 2.16 -15.93
C SER A 55 13.80 1.47 -16.47
N GLY A 56 13.64 0.48 -17.34
CA GLY A 56 14.76 -0.27 -17.87
C GLY A 56 15.17 -1.47 -17.03
N TYR A 57 14.53 -1.68 -15.88
CA TYR A 57 14.88 -2.79 -15.01
C TYR A 57 14.40 -4.11 -15.61
N THR A 58 15.14 -5.19 -15.33
CA THR A 58 14.80 -6.51 -15.85
C THR A 58 14.93 -7.55 -14.74
N ASN A 59 13.93 -8.41 -14.61
CA ASN A 59 14.04 -9.62 -13.80
C ASN A 59 14.31 -10.78 -14.75
N PHE A 60 15.46 -11.42 -14.55
CA PHE A 60 15.92 -12.53 -15.38
C PHE A 60 15.59 -13.86 -14.72
N ASN A 61 15.90 -14.93 -15.45
CA ASN A 61 16.00 -16.26 -14.86
C ASN A 61 17.42 -16.50 -14.36
N GLN A 62 17.61 -17.63 -13.68
CA GLN A 62 18.96 -17.99 -13.24
C GLN A 62 19.85 -18.41 -14.41
N LYS A 63 19.27 -19.07 -15.41
CA LYS A 63 20.05 -19.45 -16.59
C LYS A 63 20.33 -18.24 -17.48
N PHE A 64 19.34 -17.37 -17.66
CA PHE A 64 19.47 -16.19 -18.51
C PHE A 64 19.91 -14.95 -17.74
N LYS A 65 20.63 -15.12 -16.62
CA LYS A 65 21.15 -13.98 -15.89
C LYS A 65 22.29 -13.31 -16.64
N ASP A 66 23.23 -14.10 -17.15
CA ASP A 66 24.34 -13.58 -17.94
C ASP A 66 24.23 -13.92 -19.42
N LYS A 67 23.12 -14.54 -19.84
CA LYS A 67 22.93 -14.92 -21.23
C LYS A 67 22.36 -13.77 -22.06
N ALA A 68 21.37 -13.05 -21.53
CA ALA A 68 20.65 -12.03 -22.28
C ALA A 68 20.66 -10.70 -21.54
N ALA A 69 20.50 -9.61 -22.31
CA ALA A 69 20.38 -8.26 -21.79
C ALA A 69 19.11 -7.66 -22.40
N LEU A 70 18.06 -7.56 -21.58
CA LEU A 70 16.73 -7.27 -22.09
C LEU A 70 16.47 -5.77 -22.02
N THR A 71 16.21 -5.16 -23.17
CA THR A 71 15.77 -3.77 -23.27
C THR A 71 14.42 -3.71 -23.96
N ALA A 72 13.83 -2.51 -23.98
CA ALA A 72 12.54 -2.31 -24.61
C ALA A 72 12.44 -0.86 -25.07
N ASP A 73 12.45 -0.66 -26.39
CA ASP A 73 12.51 0.67 -26.97
C ASP A 73 11.13 1.32 -26.90
N THR A 74 11.02 2.39 -26.11
CA THR A 74 9.77 3.12 -25.95
C THR A 74 9.34 3.82 -27.23
N SER A 75 10.27 4.45 -27.97
CA SER A 75 9.90 5.25 -29.13
C SER A 75 9.48 4.37 -30.31
N SER A 76 10.26 3.33 -30.60
CA SER A 76 10.00 2.49 -31.77
C SER A 76 9.01 1.37 -31.49
N ASN A 77 8.61 1.20 -30.22
CA ASN A 77 7.65 0.20 -29.75
C ASN A 77 8.10 -1.22 -30.09
N THR A 78 9.41 -1.46 -30.04
CA THR A 78 10.00 -2.74 -30.42
C THR A 78 10.63 -3.38 -29.19
N ALA A 79 10.29 -4.64 -28.93
CA ALA A 79 10.84 -5.37 -27.81
C ALA A 79 12.16 -6.01 -28.23
N TYR A 80 13.20 -5.80 -27.43
CA TYR A 80 14.55 -6.21 -27.78
C TYR A 80 15.12 -7.22 -26.78
N ILE A 81 16.01 -8.06 -27.30
CA ILE A 81 16.82 -8.97 -26.50
C ILE A 81 18.10 -9.24 -27.28
N GLN A 82 19.24 -9.16 -26.60
CA GLN A 82 20.53 -9.41 -27.22
C GLN A 82 21.22 -10.57 -26.53
N LEU A 83 22.01 -11.33 -27.29
CA LEU A 83 22.70 -12.49 -26.78
C LEU A 83 24.13 -12.51 -27.32
N ASN A 84 25.08 -12.73 -26.40
CA ASN A 84 26.50 -12.81 -26.71
C ASN A 84 26.99 -14.19 -26.32
N GLY A 85 27.98 -14.71 -27.06
CA GLY A 85 28.56 -16.00 -26.73
C GLY A 85 27.63 -17.16 -27.01
N LEU A 86 27.36 -17.42 -28.29
CA LEU A 86 26.42 -18.45 -28.68
C LEU A 86 26.99 -19.85 -28.41
N THR A 87 26.12 -20.75 -27.98
CA THR A 87 26.45 -22.15 -27.75
C THR A 87 25.70 -23.01 -28.76
N PHE A 88 26.05 -24.31 -28.78
CA PHE A 88 25.47 -25.22 -29.76
C PHE A 88 24.02 -25.59 -29.41
N GLU A 89 23.62 -25.47 -28.15
CA GLU A 89 22.27 -25.80 -27.72
C GLU A 89 21.35 -24.58 -27.67
N ASP A 90 21.82 -23.41 -28.10
CA ASP A 90 21.02 -22.20 -28.08
C ASP A 90 20.29 -22.00 -29.41
N SER A 91 20.50 -22.89 -30.38
CA SER A 91 19.79 -22.85 -31.66
C SER A 91 18.33 -23.18 -31.42
N ALA A 92 17.48 -22.16 -31.45
CA ALA A 92 16.08 -22.31 -31.07
C ALA A 92 15.28 -21.17 -31.68
N VAL A 93 14.00 -21.11 -31.29
CA VAL A 93 13.11 -20.01 -31.66
C VAL A 93 12.62 -19.33 -30.38
N TYR A 94 12.69 -18.00 -30.37
CA TYR A 94 12.25 -17.18 -29.26
C TYR A 94 10.86 -16.63 -29.56
N PHE A 95 10.05 -16.50 -28.52
CA PHE A 95 8.73 -15.89 -28.61
C PHE A 95 8.64 -14.72 -27.64
N CYS A 96 7.83 -13.74 -28.02
CA CYS A 96 7.62 -12.54 -27.21
C CYS A 96 6.12 -12.32 -27.01
N ALA A 97 5.74 -11.88 -25.81
CA ALA A 97 4.34 -11.64 -25.46
C ALA A 97 4.25 -10.51 -24.43
N ARG A 98 3.03 -10.24 -23.96
CA ARG A 98 2.70 -9.03 -23.22
C ARG A 98 2.41 -9.37 -21.76
N ASP A 99 2.48 -8.36 -20.89
CA ASP A 99 2.21 -8.49 -19.46
C ASP A 99 1.40 -7.28 -19.01
N GLY A 100 0.49 -7.49 -18.06
CA GLY A 100 -0.36 -6.37 -17.65
C GLY A 100 -1.79 -6.70 -17.27
N ASP A 101 -2.67 -6.34 -18.19
CA ASP A 101 -4.09 -6.62 -17.97
C ASP A 101 -4.25 -8.04 -17.66
N PRO A 102 -5.37 -8.39 -17.06
CA PRO A 102 -5.69 -9.77 -16.77
C PRO A 102 -5.37 -10.80 -17.88
N PRO A 103 -5.94 -10.60 -19.04
CA PRO A 103 -5.59 -11.55 -20.10
C PRO A 103 -4.10 -11.58 -20.44
N PHE A 104 -3.55 -10.43 -20.84
CA PHE A 104 -2.18 -10.19 -21.32
C PHE A 104 -1.59 -11.23 -22.27
N VAL A 105 -2.39 -11.81 -23.15
CA VAL A 105 -1.90 -12.81 -24.12
C VAL A 105 -2.03 -12.24 -25.54
N TYR A 106 -0.88 -11.83 -26.09
CA TYR A 106 -0.74 -11.41 -27.48
C TYR A 106 0.58 -11.96 -27.99
N TRP A 107 0.53 -12.70 -29.10
CA TRP A 107 1.59 -13.63 -29.48
C TRP A 107 2.06 -13.39 -30.91
N GLY A 108 3.31 -13.80 -31.16
CA GLY A 108 3.88 -13.74 -32.49
C GLY A 108 4.49 -15.06 -32.93
N GLN A 109 4.98 -15.09 -34.18
CA GLN A 109 5.45 -16.33 -34.78
C GLN A 109 6.87 -16.69 -34.36
N GLY A 110 7.62 -15.78 -33.76
CA GLY A 110 8.91 -16.14 -33.22
C GLY A 110 10.10 -15.79 -34.07
N THR A 111 11.25 -15.61 -33.42
CA THR A 111 12.54 -15.36 -34.08
C THR A 111 13.34 -16.64 -34.01
N LEU A 112 13.69 -17.19 -35.18
CA LEU A 112 14.43 -18.44 -35.25
C LEU A 112 15.91 -18.14 -35.47
N VAL A 113 16.74 -18.45 -34.48
CA VAL A 113 18.19 -18.25 -34.55
C VAL A 113 18.86 -19.61 -34.42
N THR A 114 19.75 -19.91 -35.36
CA THR A 114 20.46 -21.19 -35.40
C THR A 114 21.94 -20.91 -35.65
N VAL A 115 22.81 -21.65 -34.97
CA VAL A 115 24.25 -21.50 -35.13
C VAL A 115 24.87 -22.85 -35.45
N SER A 116 25.96 -22.82 -36.21
CA SER A 116 26.71 -24.01 -36.56
C SER A 116 28.15 -23.61 -36.82
N ALA A 117 29.05 -24.58 -36.75
CA ALA A 117 30.47 -24.34 -36.98
C ALA A 117 30.76 -24.13 -38.46
N VAL B 2 9.63 24.68 19.79
CA VAL B 2 8.48 24.93 18.94
C VAL B 2 7.59 26.00 19.55
N LYS B 3 7.43 27.12 18.84
CA LYS B 3 6.64 28.25 19.31
C LYS B 3 5.43 28.43 18.40
N LEU B 4 4.27 28.62 19.02
CA LEU B 4 3.02 28.85 18.30
C LEU B 4 2.42 30.16 18.76
N VAL B 5 2.07 31.03 17.81
CA VAL B 5 1.59 32.37 18.11
C VAL B 5 0.16 32.50 17.62
N GLU B 6 -0.74 32.88 18.52
CA GLU B 6 -2.16 33.08 18.23
C GLU B 6 -2.54 34.53 18.44
N SER B 7 -3.44 35.03 17.59
CA SER B 7 -3.87 36.43 17.71
C SER B 7 -5.33 36.56 17.32
N GLY B 8 -6.03 37.46 18.01
CA GLY B 8 -7.41 37.80 17.68
C GLY B 8 -8.42 37.68 18.80
N GLY B 9 -7.95 37.68 20.05
CA GLY B 9 -8.86 37.49 21.18
C GLY B 9 -9.55 38.78 21.62
N GLY B 10 -10.62 38.61 22.38
CA GLY B 10 -11.31 39.77 22.94
C GLY B 10 -12.72 39.44 23.38
N LEU B 11 -13.49 40.51 23.63
CA LEU B 11 -14.88 40.44 24.03
C LEU B 11 -15.75 40.97 22.90
N VAL B 12 -16.67 40.14 22.41
CA VAL B 12 -17.51 40.53 21.28
C VAL B 12 -18.98 40.22 21.57
N LYS B 13 -19.86 40.94 20.87
CA LYS B 13 -21.28 40.69 20.93
C LYS B 13 -21.63 39.43 20.14
N PRO B 14 -22.80 38.82 20.40
CA PRO B 14 -23.30 37.78 19.49
C PRO B 14 -23.57 38.33 18.10
N GLY B 15 -23.28 37.52 17.09
CA GLY B 15 -23.46 37.93 15.72
C GLY B 15 -22.33 38.72 15.11
N GLY B 16 -21.22 38.90 15.83
CA GLY B 16 -20.06 39.55 15.26
C GLY B 16 -19.24 38.61 14.41
N SER B 17 -18.11 39.11 13.91
CA SER B 17 -17.19 38.33 13.10
C SER B 17 -15.76 38.65 13.52
N LEU B 18 -14.91 37.62 13.59
CA LEU B 18 -13.52 37.82 13.97
C LEU B 18 -12.61 36.93 13.14
N LYS B 19 -11.32 37.29 13.15
CA LYS B 19 -10.26 36.50 12.53
C LYS B 19 -9.28 36.06 13.61
N LEU B 20 -9.06 34.76 13.70
CA LEU B 20 -7.98 34.21 14.51
C LEU B 20 -6.81 33.82 13.62
N SER B 21 -5.62 34.28 13.98
CA SER B 21 -4.44 34.05 13.18
C SER B 21 -3.45 33.20 13.95
N CYS B 22 -2.90 32.20 13.26
CA CYS B 22 -1.92 31.28 13.82
C CYS B 22 -0.65 31.32 13.01
N THR B 23 0.47 31.54 13.70
CA THR B 23 1.80 31.57 13.09
C THR B 23 2.66 30.53 13.79
N ALA B 24 3.34 29.69 13.00
CA ALA B 24 4.11 28.58 13.53
C ALA B 24 5.58 28.74 13.17
N SER B 25 6.44 28.11 13.97
CA SER B 25 7.88 28.14 13.75
C SER B 25 8.50 26.93 14.44
N GLY B 26 9.70 26.56 13.98
CA GLY B 26 10.47 25.51 14.60
C GLY B 26 10.26 24.11 14.08
N PHE B 27 9.41 23.94 13.07
CA PHE B 27 9.15 22.61 12.51
C PHE B 27 8.76 22.76 11.05
N THR B 28 8.45 21.62 10.43
CA THR B 28 8.09 21.57 9.01
C THR B 28 6.60 21.82 8.86
N PHE B 29 6.24 22.96 8.26
CA PHE B 29 4.84 23.32 8.09
C PHE B 29 4.17 22.54 6.96
N SER B 30 4.91 22.21 5.90
CA SER B 30 4.33 21.65 4.69
C SER B 30 4.06 20.15 4.78
N ASP B 31 4.38 19.51 5.90
CA ASP B 31 4.23 18.07 6.04
C ASP B 31 3.18 17.67 7.07
N ASN B 32 2.40 18.62 7.60
CA ASN B 32 1.76 18.35 8.88
C ASN B 32 0.53 19.26 9.04
N GLY B 33 -0.57 18.70 9.64
CA GLY B 33 -1.87 19.36 9.61
C GLY B 33 -2.09 20.39 10.72
N MET B 34 -3.25 21.09 10.69
CA MET B 34 -3.55 22.08 11.73
C MET B 34 -5.00 21.99 12.21
N ALA B 35 -5.23 22.49 13.43
CA ALA B 35 -6.56 22.52 14.04
C ALA B 35 -6.64 23.62 15.08
N TRP B 36 -7.87 23.96 15.45
CA TRP B 36 -8.18 24.91 16.51
C TRP B 36 -8.95 24.19 17.59
N VAL B 37 -8.59 24.42 18.86
CA VAL B 37 -9.28 23.81 19.99
C VAL B 37 -9.65 24.90 20.99
N ARG B 38 -10.93 24.98 21.34
CA ARG B 38 -11.41 25.91 22.34
C ARG B 38 -11.70 25.20 23.67
N GLN B 39 -11.45 25.92 24.76
CA GLN B 39 -11.57 25.36 26.10
C GLN B 39 -12.32 26.33 26.99
N VAL B 40 -13.46 25.89 27.51
CA VAL B 40 -14.17 26.65 28.56
C VAL B 40 -13.42 26.49 29.87
N PRO B 41 -13.23 27.56 30.65
CA PRO B 41 -12.60 27.40 31.98
C PRO B 41 -13.49 26.60 32.92
N GLY B 42 -12.90 25.59 33.56
CA GLY B 42 -13.64 24.71 34.44
C GLY B 42 -14.45 23.64 33.73
N LYS B 43 -14.26 23.47 32.42
CA LYS B 43 -15.02 22.52 31.63
C LYS B 43 -14.09 21.91 30.60
N GLY B 44 -14.45 20.73 30.09
CA GLY B 44 -13.63 19.99 29.16
C GLY B 44 -13.45 20.67 27.82
N PRO B 45 -12.44 20.25 27.07
CA PRO B 45 -12.14 20.89 25.77
C PRO B 45 -13.19 20.57 24.72
N GLU B 46 -13.28 21.48 23.75
CA GLU B 46 -14.18 21.34 22.61
C GLU B 46 -13.43 21.67 21.34
N TRP B 47 -13.62 20.86 20.30
CA TRP B 47 -12.97 21.08 19.03
C TRP B 47 -13.95 21.71 18.04
N VAL B 48 -13.47 22.65 17.23
CA VAL B 48 -14.30 23.31 16.25
C VAL B 48 -13.82 23.11 14.82
N ALA B 49 -12.51 23.22 14.55
CA ALA B 49 -12.06 23.29 13.18
C ALA B 49 -10.73 22.58 13.00
N SER B 50 -10.55 21.99 11.81
CA SER B 50 -9.26 21.43 11.40
C SER B 50 -9.13 21.49 9.89
N ILE B 51 -7.88 21.45 9.43
CA ILE B 51 -7.56 21.52 8.01
C ILE B 51 -6.30 20.69 7.76
N THR B 52 -6.24 20.08 6.58
CA THR B 52 -5.15 19.20 6.20
C THR B 52 -4.09 19.99 5.43
N ASN B 53 -3.17 19.27 4.78
CA ASN B 53 -1.83 19.78 4.47
C ASN B 53 -1.71 20.96 3.51
N LEU B 54 -2.04 20.80 2.24
CA LEU B 54 -1.84 21.92 1.32
C LEU B 54 -2.98 22.90 1.50
N ALA B 55 -4.21 22.40 1.54
CA ALA B 55 -5.41 23.23 1.67
C ALA B 55 -6.40 22.34 0.98
N PHE B 56 -6.20 21.04 1.10
CA PHE B 56 -7.03 20.10 0.35
C PHE B 56 -8.40 19.72 0.88
N SER B 57 -8.67 19.89 2.15
CA SER B 57 -9.86 19.45 2.86
C SER B 57 -9.99 20.19 4.19
N VAL B 58 -11.23 20.45 4.60
CA VAL B 58 -11.54 21.08 5.88
C VAL B 58 -12.47 20.15 6.65
N TYR B 59 -12.45 20.26 7.98
CA TYR B 59 -13.27 19.43 8.85
C TYR B 59 -13.73 20.24 10.04
N TYR B 60 -14.94 19.94 10.52
CA TYR B 60 -15.49 20.60 11.69
C TYR B 60 -16.08 19.53 12.62
N SER B 61 -16.58 19.98 13.77
CA SER B 61 -17.29 19.08 14.67
C SER B 61 -18.79 19.11 14.37
N ASP B 62 -19.58 18.55 15.29
CA ASP B 62 -21.01 18.35 15.03
C ASP B 62 -21.80 19.66 15.00
N THR B 63 -21.49 20.59 15.90
CA THR B 63 -22.24 21.83 16.02
C THR B 63 -21.58 23.01 15.30
N VAL B 64 -20.61 22.74 14.42
CA VAL B 64 -19.82 23.78 13.80
C VAL B 64 -20.02 23.81 12.29
N THR B 65 -20.41 22.68 11.69
CA THR B 65 -20.53 22.54 10.24
C THR B 65 -21.56 23.50 9.64
N GLY B 66 -21.17 24.17 8.56
CA GLY B 66 -21.98 25.18 7.92
C GLY B 66 -21.82 26.59 8.47
N ARG B 67 -20.92 26.81 9.43
CA ARG B 67 -20.77 28.11 10.07
C ARG B 67 -19.39 28.74 9.92
N PHE B 68 -18.31 28.00 10.17
CA PHE B 68 -16.98 28.57 10.32
C PHE B 68 -16.27 28.61 8.97
N THR B 69 -15.23 29.44 8.89
CA THR B 69 -14.33 29.43 7.74
C THR B 69 -12.90 29.23 8.23
N ILE B 70 -12.25 28.17 7.77
CA ILE B 70 -10.86 27.90 8.09
C ILE B 70 -10.07 27.77 6.79
N SER B 71 -8.87 28.33 6.79
CA SER B 71 -8.01 28.30 5.61
C SER B 71 -6.55 28.38 6.05
N ARG B 72 -5.65 28.08 5.12
CA ARG B 72 -4.23 28.11 5.41
C ARG B 72 -3.46 28.76 4.26
N ASP B 73 -2.33 29.37 4.60
CA ASP B 73 -1.38 29.91 3.65
C ASP B 73 -0.05 29.22 3.93
N ASN B 74 0.39 28.38 3.00
CA ASN B 74 1.61 27.61 3.18
C ASN B 74 2.85 28.38 2.77
N ALA B 75 2.68 29.50 2.06
CA ALA B 75 3.83 30.33 1.71
C ALA B 75 4.35 31.09 2.93
N LYS B 76 3.44 31.66 3.73
CA LYS B 76 3.79 32.42 4.91
C LYS B 76 3.53 31.67 6.21
N ASN B 77 3.14 30.39 6.12
CA ASN B 77 2.95 29.48 7.27
C ASN B 77 1.91 30.00 8.27
N THR B 78 0.74 30.38 7.77
CA THR B 78 -0.29 30.96 8.63
C THR B 78 -1.59 30.15 8.51
N LEU B 79 -2.31 30.06 9.62
CA LEU B 79 -3.64 29.45 9.65
C LEU B 79 -4.65 30.52 10.04
N ALA B 80 -5.68 30.70 9.21
CA ALA B 80 -6.64 31.78 9.37
C ALA B 80 -8.04 31.24 9.61
N LEU B 81 -8.68 31.73 10.67
CA LEU B 81 -10.04 31.36 11.02
C LEU B 81 -10.94 32.59 10.99
N GLU B 82 -11.82 32.66 10.00
CA GLU B 82 -12.90 33.65 9.99
C GLU B 82 -14.12 33.02 10.61
N MET B 83 -14.50 33.50 11.79
CA MET B 83 -15.57 32.90 12.58
C MET B 83 -16.60 33.98 12.88
N SER B 84 -17.85 33.70 12.51
CA SER B 84 -18.89 34.73 12.51
C SER B 84 -20.25 34.20 12.99
N SER B 85 -20.25 33.19 13.84
CA SER B 85 -21.48 32.57 14.34
C SER B 85 -21.49 32.52 15.86
N LEU B 86 -21.28 33.69 16.48
CA LEU B 86 -21.16 33.79 17.93
C LEU B 86 -22.46 33.42 18.63
N ARG B 87 -22.34 32.78 19.79
CA ARG B 87 -23.44 32.51 20.70
C ARG B 87 -22.92 32.56 22.13
N SER B 88 -23.77 32.17 23.09
CA SER B 88 -23.41 32.22 24.49
C SER B 88 -22.45 31.11 24.90
N GLU B 89 -22.29 30.06 24.08
CA GLU B 89 -21.46 28.93 24.44
C GLU B 89 -20.02 29.05 23.96
N ASP B 90 -19.65 30.16 23.32
CA ASP B 90 -18.33 30.31 22.70
C ASP B 90 -17.33 31.01 23.61
N THR B 91 -17.65 31.19 24.89
CA THR B 91 -16.74 31.82 25.84
C THR B 91 -15.64 30.82 26.18
N ALA B 92 -14.51 30.92 25.49
CA ALA B 92 -13.47 29.90 25.61
C ALA B 92 -12.12 30.49 25.22
N ILE B 93 -11.06 29.80 25.63
CA ILE B 93 -9.70 30.12 25.20
C ILE B 93 -9.33 29.20 24.03
N TYR B 94 -8.77 29.78 22.98
CA TYR B 94 -8.51 29.07 21.73
C TYR B 94 -7.02 28.85 21.59
N TYR B 95 -6.64 27.58 21.33
CA TYR B 95 -5.27 27.22 20.97
C TYR B 95 -5.25 26.77 19.52
N CYS B 96 -4.28 27.27 18.77
CA CYS B 96 -3.94 26.73 17.46
C CYS B 96 -2.92 25.62 17.66
N ALA B 97 -3.23 24.44 17.14
CA ALA B 97 -2.48 23.24 17.47
C ALA B 97 -2.22 22.43 16.20
N ARG B 98 -1.20 21.58 16.27
CA ARG B 98 -0.59 20.96 15.11
C ARG B 98 -0.95 19.48 15.05
N LEU B 99 -1.67 19.08 14.00
CA LEU B 99 -2.19 17.72 13.81
C LEU B 99 -1.16 16.86 13.11
N TYR B 100 -0.30 16.25 13.92
CA TYR B 100 0.69 15.27 13.53
C TYR B 100 0.10 13.86 13.63
N GLY B 101 0.66 12.94 12.86
CA GLY B 101 0.20 11.56 12.89
C GLY B 101 -0.82 11.26 11.80
N ASP B 102 -1.42 10.08 11.94
CA ASP B 102 -2.24 9.52 10.87
C ASP B 102 -3.56 10.29 10.72
N TYR B 103 -3.95 10.54 9.44
CA TYR B 103 -5.14 11.26 8.97
C TYR B 103 -5.30 12.59 9.72
N PRO B 104 -4.17 13.32 9.92
CA PRO B 104 -4.06 14.31 10.99
C PRO B 104 -4.97 14.19 12.20
N TYR B 105 -4.63 13.31 13.14
CA TYR B 105 -5.48 13.01 14.28
C TYR B 105 -5.05 13.70 15.56
N TYR B 106 -3.80 13.52 16.01
CA TYR B 106 -3.45 13.91 17.36
C TYR B 106 -2.55 15.13 17.36
N PHE B 107 -2.32 15.67 18.56
CA PHE B 107 -1.83 17.01 18.76
C PHE B 107 -0.42 16.96 19.32
N ASP B 108 0.53 17.59 18.63
CA ASP B 108 1.94 17.49 19.00
C ASP B 108 2.35 18.56 20.00
N TYR B 109 2.20 19.83 19.64
CA TYR B 109 2.51 20.95 20.52
C TYR B 109 1.35 21.92 20.56
N TRP B 110 1.19 22.60 21.70
CA TRP B 110 0.07 23.49 21.95
C TRP B 110 0.57 24.91 22.19
N GLY B 111 -0.11 25.89 21.58
CA GLY B 111 0.23 27.29 21.78
C GLY B 111 -0.47 27.90 22.99
N GLN B 112 -0.13 29.17 23.24
CA GLN B 112 -0.70 29.88 24.39
C GLN B 112 -2.17 30.22 24.17
N GLY B 113 -2.54 30.55 22.94
CA GLY B 113 -3.95 30.78 22.63
C GLY B 113 -4.42 32.17 23.04
N THR B 114 -5.60 32.52 22.55
CA THR B 114 -6.25 33.80 22.86
C THR B 114 -7.63 33.54 23.44
N ALA B 115 -8.05 34.38 24.38
CA ALA B 115 -9.36 34.25 24.98
C ALA B 115 -10.41 34.95 24.13
N LEU B 116 -11.61 34.34 24.08
CA LEU B 116 -12.74 34.92 23.36
C LEU B 116 -13.97 34.81 24.27
N THR B 117 -14.54 35.96 24.62
CA THR B 117 -15.69 35.99 25.51
C THR B 117 -16.83 36.81 24.90
N VAL B 118 -18.05 36.49 25.34
CA VAL B 118 -19.28 37.02 24.76
C VAL B 118 -20.05 37.73 25.86
N SER B 119 -20.40 39.00 25.62
CA SER B 119 -21.23 39.76 26.55
C SER B 119 -22.06 40.76 25.76
N SER B 120 -23.15 41.19 26.35
CA SER B 120 -24.04 42.15 25.70
C SER B 120 -23.52 43.57 25.85
N ASP C 1 12.34 -20.44 -7.93
CA ASP C 1 13.05 -21.63 -8.40
C ASP C 1 12.38 -22.92 -7.95
N ILE C 2 11.39 -23.37 -8.72
CA ILE C 2 10.67 -24.60 -8.43
C ILE C 2 10.47 -25.37 -9.74
N GLN C 3 10.62 -26.69 -9.68
CA GLN C 3 10.32 -27.56 -10.81
C GLN C 3 8.87 -28.03 -10.75
N MET C 4 8.23 -28.08 -11.91
CA MET C 4 6.82 -28.37 -12.04
C MET C 4 6.59 -29.39 -13.15
N THR C 5 5.75 -30.40 -12.88
CA THR C 5 5.51 -31.51 -13.81
C THR C 5 4.07 -31.46 -14.30
N GLN C 6 3.93 -31.41 -15.63
CA GLN C 6 2.64 -31.60 -16.27
C GLN C 6 2.49 -33.06 -16.68
N SER C 7 1.28 -33.62 -16.50
CA SER C 7 1.00 -35.00 -16.84
C SER C 7 -0.24 -35.10 -17.70
N PRO C 8 -0.26 -36.01 -18.68
CA PRO C 8 0.83 -36.89 -19.12
C PRO C 8 1.63 -36.30 -20.27
N ALA C 9 2.49 -37.12 -20.87
CA ALA C 9 3.27 -36.66 -22.01
C ALA C 9 2.40 -36.53 -23.26
N SER C 10 1.56 -37.54 -23.51
CA SER C 10 0.70 -37.54 -24.69
C SER C 10 -0.51 -38.43 -24.44
N LEU C 11 -1.57 -38.18 -25.21
CA LEU C 11 -2.77 -39.01 -25.18
C LEU C 11 -3.50 -38.87 -26.50
N SER C 12 -4.40 -39.82 -26.77
CA SER C 12 -5.16 -39.86 -28.00
C SER C 12 -6.55 -39.26 -27.76
N ALA C 13 -7.00 -38.40 -28.67
CA ALA C 13 -8.29 -37.73 -28.54
C ALA C 13 -9.13 -37.94 -29.79
N SER C 14 -10.37 -38.38 -29.60
CA SER C 14 -11.33 -38.51 -30.67
C SER C 14 -12.25 -37.29 -30.72
N VAL C 15 -13.29 -37.38 -31.54
CA VAL C 15 -14.32 -36.34 -31.62
C VAL C 15 -15.53 -36.84 -30.83
N GLY C 16 -16.18 -35.95 -30.09
CA GLY C 16 -17.33 -36.31 -29.29
C GLY C 16 -16.96 -37.07 -28.03
N GLU C 17 -15.91 -36.63 -27.35
CA GLU C 17 -15.38 -37.32 -26.18
C GLU C 17 -14.74 -36.30 -25.25
N THR C 18 -14.36 -36.76 -24.07
CA THR C 18 -13.81 -35.91 -23.03
C THR C 18 -12.39 -36.30 -22.68
N VAL C 19 -11.52 -35.30 -22.56
CA VAL C 19 -10.14 -35.51 -22.15
C VAL C 19 -9.86 -34.66 -20.91
N THR C 20 -8.91 -35.14 -20.11
CA THR C 20 -8.52 -34.50 -18.86
C THR C 20 -7.01 -34.31 -18.87
N ILE C 21 -6.56 -33.09 -18.60
CA ILE C 21 -5.14 -32.77 -18.48
C ILE C 21 -4.86 -32.33 -17.05
N THR C 22 -3.85 -32.95 -16.44
CA THR C 22 -3.56 -32.76 -15.02
C THR C 22 -2.26 -31.97 -14.87
N CYS C 23 -2.32 -30.88 -14.11
CA CYS C 23 -1.16 -30.03 -13.85
C CYS C 23 -0.88 -30.08 -12.35
N ARG C 24 0.25 -30.67 -11.99
CA ARG C 24 0.61 -30.90 -10.59
C ARG C 24 1.83 -30.06 -10.22
N ALA C 25 1.79 -29.47 -9.03
CA ALA C 25 2.89 -28.66 -8.52
C ALA C 25 3.31 -29.15 -7.14
N SER C 26 4.54 -28.83 -6.76
CA SER C 26 5.06 -29.24 -5.46
C SER C 26 4.55 -28.34 -4.34
N GLU C 27 4.88 -27.06 -4.40
CA GLU C 27 4.40 -26.09 -3.44
C GLU C 27 2.96 -25.72 -3.76
N ASN C 28 2.25 -25.22 -2.74
CA ASN C 28 0.86 -24.78 -2.90
C ASN C 28 0.88 -23.46 -3.67
N ILE C 29 0.83 -23.55 -5.00
CA ILE C 29 0.84 -22.35 -5.84
C ILE C 29 -0.51 -21.65 -5.72
N TYR C 30 -0.46 -20.34 -5.51
CA TYR C 30 -1.63 -19.58 -5.10
C TYR C 30 -2.47 -19.14 -6.32
N SER C 31 -2.99 -20.16 -7.03
CA SER C 31 -3.98 -20.01 -8.10
C SER C 31 -3.49 -19.17 -9.29
N ASN C 32 -2.17 -19.06 -9.46
CA ASN C 32 -1.60 -18.31 -10.56
C ASN C 32 -1.14 -19.24 -11.68
N LEU C 33 -2.08 -19.96 -12.26
CA LEU C 33 -1.82 -20.90 -13.34
C LEU C 33 -2.59 -20.49 -14.58
N ALA C 34 -1.99 -20.73 -15.75
CA ALA C 34 -2.64 -20.43 -17.01
C ALA C 34 -2.45 -21.57 -18.00
N TRP C 35 -3.42 -21.75 -18.89
CA TRP C 35 -3.41 -22.82 -19.89
C TRP C 35 -3.18 -22.23 -21.28
N TYR C 36 -2.12 -22.68 -21.95
CA TYR C 36 -1.70 -22.15 -23.24
C TYR C 36 -1.86 -23.22 -24.31
N GLN C 37 -2.40 -22.80 -25.46
CA GLN C 37 -2.81 -23.68 -26.55
C GLN C 37 -1.87 -23.43 -27.73
N GLN C 38 -0.97 -24.36 -28.01
CA GLN C 38 0.06 -24.19 -29.02
C GLN C 38 -0.32 -24.95 -30.29
N LYS C 39 -0.12 -24.31 -31.43
CA LYS C 39 -0.27 -24.97 -32.72
C LYS C 39 1.12 -25.29 -33.28
N GLN C 40 1.17 -26.06 -34.37
CA GLN C 40 2.44 -26.43 -34.98
C GLN C 40 2.83 -25.37 -36.03
N GLY C 41 4.06 -24.88 -35.93
CA GLY C 41 4.56 -23.82 -36.80
C GLY C 41 3.81 -22.51 -36.70
N LYS C 42 3.14 -22.25 -35.58
CA LYS C 42 2.18 -21.16 -35.48
C LYS C 42 2.27 -20.60 -34.06
N SER C 43 1.80 -19.36 -33.90
CA SER C 43 1.82 -18.69 -32.61
C SER C 43 0.83 -19.35 -31.65
N PRO C 44 1.28 -19.67 -30.42
CA PRO C 44 0.36 -20.23 -29.42
C PRO C 44 -0.63 -19.18 -28.94
N GLN C 45 -1.69 -19.63 -28.28
CA GLN C 45 -2.66 -18.73 -27.63
C GLN C 45 -3.12 -19.31 -26.30
N LEU C 46 -3.82 -18.50 -25.51
CA LEU C 46 -4.32 -18.91 -24.21
C LEU C 46 -5.59 -19.76 -24.34
N LEU C 47 -6.00 -20.37 -23.23
CA LEU C 47 -7.36 -20.85 -23.05
C LEU C 47 -8.11 -20.12 -21.93
N VAL C 48 -7.57 -20.09 -20.71
CA VAL C 48 -8.29 -19.58 -19.54
C VAL C 48 -7.35 -18.71 -18.69
N ASP C 49 -7.94 -18.06 -17.69
CA ASP C 49 -7.21 -17.24 -16.72
C ASP C 49 -7.38 -17.81 -15.32
N GLY C 50 -6.27 -18.01 -14.62
CA GLY C 50 -6.27 -18.43 -13.24
C GLY C 50 -6.77 -19.83 -12.98
N ALA C 51 -6.95 -20.63 -14.04
CA ALA C 51 -7.57 -21.96 -14.05
C ALA C 51 -9.00 -21.97 -13.51
N THR C 52 -9.66 -20.81 -13.44
CA THR C 52 -11.05 -20.72 -13.01
C THR C 52 -11.87 -19.84 -13.96
N ASN C 53 -11.23 -18.87 -14.58
CA ASN C 53 -11.91 -17.85 -15.38
C ASN C 53 -11.60 -18.07 -16.85
N LEU C 54 -12.66 -18.16 -17.67
CA LEU C 54 -12.49 -18.30 -19.11
C LEU C 54 -11.99 -17.01 -19.73
N ALA C 55 -11.08 -17.15 -20.69
CA ALA C 55 -10.70 -16.01 -21.51
C ALA C 55 -11.81 -15.69 -22.51
N ASP C 56 -11.86 -14.43 -22.95
CA ASP C 56 -12.92 -13.99 -23.84
C ASP C 56 -12.59 -14.36 -25.29
N GLY C 57 -13.53 -15.02 -25.95
CA GLY C 57 -13.40 -15.33 -27.35
C GLY C 57 -13.65 -16.78 -27.73
N VAL C 58 -13.22 -17.70 -26.88
CA VAL C 58 -13.40 -19.14 -27.15
C VAL C 58 -14.67 -19.60 -26.42
N PRO C 59 -15.36 -20.64 -26.92
CA PRO C 59 -16.57 -21.11 -26.22
C PRO C 59 -16.28 -21.87 -24.93
N SER C 60 -17.34 -22.31 -24.25
CA SER C 60 -17.24 -22.88 -22.91
C SER C 60 -16.99 -24.37 -22.89
N ARG C 61 -16.51 -24.97 -24.00
CA ARG C 61 -16.16 -26.39 -23.97
C ARG C 61 -14.89 -26.64 -23.17
N PHE C 62 -14.00 -25.64 -23.09
CA PHE C 62 -12.79 -25.77 -22.30
C PHE C 62 -13.08 -25.36 -20.87
N SER C 63 -12.59 -26.12 -19.89
CA SER C 63 -12.92 -25.79 -18.50
C SER C 63 -11.75 -26.12 -17.58
N GLY C 64 -11.21 -25.11 -16.90
CA GLY C 64 -10.20 -25.33 -15.88
C GLY C 64 -10.83 -25.46 -14.50
N SER C 65 -10.16 -26.18 -13.62
CA SER C 65 -10.65 -26.40 -12.27
C SER C 65 -9.48 -26.71 -11.34
N GLY C 66 -9.73 -26.59 -10.05
CA GLY C 66 -8.76 -26.92 -9.03
C GLY C 66 -8.02 -25.71 -8.51
N SER C 67 -7.52 -25.82 -7.28
CA SER C 67 -6.74 -24.76 -6.66
C SER C 67 -5.78 -25.38 -5.66
N GLY C 68 -4.72 -24.63 -5.35
CA GLY C 68 -3.71 -25.12 -4.42
C GLY C 68 -2.58 -25.83 -5.10
N THR C 69 -2.60 -27.16 -5.07
CA THR C 69 -1.59 -27.98 -5.74
C THR C 69 -2.13 -28.75 -6.94
N GLN C 70 -3.41 -29.13 -6.93
CA GLN C 70 -4.00 -29.89 -8.01
C GLN C 70 -4.73 -28.96 -8.97
N PHE C 71 -4.31 -28.95 -10.23
CA PHE C 71 -4.94 -28.15 -11.26
C PHE C 71 -5.28 -29.03 -12.45
N SER C 72 -6.55 -29.02 -12.86
CA SER C 72 -7.03 -29.94 -13.88
C SER C 72 -7.75 -29.16 -14.97
N LEU C 73 -7.82 -29.76 -16.15
CA LEU C 73 -8.46 -29.16 -17.32
C LEU C 73 -9.32 -30.21 -18.01
N LYS C 74 -10.62 -29.97 -18.04
CA LYS C 74 -11.60 -30.84 -18.69
C LYS C 74 -11.99 -30.25 -20.04
N ILE C 75 -11.88 -31.06 -21.09
CA ILE C 75 -12.25 -30.63 -22.45
C ILE C 75 -13.19 -31.66 -23.03
N ASN C 76 -14.40 -31.25 -23.38
CA ASN C 76 -15.40 -32.15 -23.94
C ASN C 76 -15.80 -31.70 -25.33
N SER C 77 -16.13 -32.69 -26.17
CA SER C 77 -16.54 -32.51 -27.58
C SER C 77 -15.47 -31.75 -28.37
N VAL C 78 -14.24 -32.22 -28.26
CA VAL C 78 -13.10 -31.58 -28.93
C VAL C 78 -13.13 -31.91 -30.42
N GLN C 79 -12.81 -30.93 -31.25
CA GLN C 79 -12.91 -31.02 -32.70
C GLN C 79 -11.50 -30.99 -33.33
N SER C 80 -11.47 -30.95 -34.67
CA SER C 80 -10.23 -31.13 -35.43
C SER C 80 -9.36 -29.88 -35.50
N GLU C 81 -9.91 -28.69 -35.24
CA GLU C 81 -9.18 -27.44 -35.45
C GLU C 81 -8.39 -26.99 -34.23
N ASP C 82 -8.44 -27.73 -33.12
CA ASP C 82 -7.70 -27.41 -31.92
C ASP C 82 -6.80 -28.56 -31.48
N PHE C 83 -6.07 -29.14 -32.43
CA PHE C 83 -5.00 -30.09 -32.12
C PHE C 83 -3.70 -29.33 -31.96
N GLY C 84 -2.97 -29.62 -30.89
CA GLY C 84 -1.73 -28.93 -30.59
C GLY C 84 -1.12 -29.35 -29.28
N ASN C 85 -0.67 -28.39 -28.49
CA ASN C 85 -0.01 -28.66 -27.22
C ASN C 85 -0.65 -27.82 -26.11
N TYR C 86 -0.58 -28.33 -24.89
CA TYR C 86 -1.10 -27.64 -23.72
C TYR C 86 0.05 -27.33 -22.77
N TYR C 87 0.13 -26.08 -22.32
CA TYR C 87 1.18 -25.68 -21.41
C TYR C 87 0.56 -24.99 -20.22
N CYS C 88 0.65 -25.60 -19.04
CA CYS C 88 0.17 -24.98 -17.81
C CYS C 88 1.33 -24.26 -17.14
N GLN C 89 1.24 -22.95 -17.06
CA GLN C 89 2.33 -22.13 -16.58
C GLN C 89 1.96 -21.48 -15.24
N HIS C 90 2.88 -21.56 -14.28
CA HIS C 90 2.68 -21.02 -12.95
C HIS C 90 3.28 -19.63 -12.87
N PHE C 91 2.73 -18.80 -11.98
CA PHE C 91 3.14 -17.42 -11.85
C PHE C 91 3.38 -17.01 -10.39
N TYR C 92 3.87 -17.92 -9.55
CA TYR C 92 4.19 -17.58 -8.15
C TYR C 92 5.70 -17.53 -7.97
N GLY C 93 6.21 -16.30 -7.89
CA GLY C 93 7.63 -16.08 -7.64
C GLY C 93 8.47 -16.21 -8.89
N THR C 94 9.44 -15.33 -9.04
CA THR C 94 10.37 -15.40 -10.17
C THR C 94 11.26 -16.63 -10.02
N PRO C 95 11.40 -17.48 -11.05
CA PRO C 95 10.87 -17.42 -12.42
C PRO C 95 9.46 -17.97 -12.62
N PHE C 96 8.77 -17.45 -13.64
CA PHE C 96 7.43 -17.89 -14.00
C PHE C 96 7.50 -18.93 -15.12
N THR C 97 8.03 -20.10 -14.77
CA THR C 97 8.37 -21.11 -15.77
C THR C 97 7.13 -21.84 -16.30
N PHE C 98 7.24 -22.32 -17.53
CA PHE C 98 6.18 -23.09 -18.19
C PHE C 98 6.12 -24.51 -17.61
N GLY C 99 5.28 -25.35 -18.23
CA GLY C 99 5.22 -26.76 -17.90
C GLY C 99 5.97 -27.61 -18.91
N THR C 100 5.83 -28.93 -18.74
CA THR C 100 6.47 -29.86 -19.67
C THR C 100 5.74 -29.91 -21.00
N GLY C 101 4.41 -29.94 -20.97
CA GLY C 101 3.61 -29.98 -22.19
C GLY C 101 2.84 -31.28 -22.35
N THR C 102 1.76 -31.21 -23.12
CA THR C 102 0.92 -32.36 -23.42
C THR C 102 0.61 -32.42 -24.91
N LYS C 103 0.93 -33.55 -25.53
CA LYS C 103 0.83 -33.73 -26.97
C LYS C 103 -0.49 -34.42 -27.33
N LEU C 104 -1.16 -33.89 -28.35
CA LEU C 104 -2.44 -34.42 -28.81
C LEU C 104 -2.34 -34.80 -30.28
N GLU C 105 -2.87 -35.97 -30.62
CA GLU C 105 -2.86 -36.51 -31.98
C GLU C 105 -4.23 -37.03 -32.35
N MET C 106 -4.43 -37.25 -33.65
CA MET C 106 -5.63 -37.88 -34.16
C MET C 106 -5.68 -39.35 -33.74
N LYS C 107 -6.88 -39.80 -33.35
CA LYS C 107 -7.10 -41.18 -32.97
C LYS C 107 -7.06 -42.09 -34.19
N PHE D 1 -0.20 -10.92 14.15
CA PHE D 1 0.42 -9.87 13.37
C PHE D 1 -0.26 -8.54 13.74
N ALA D 2 0.11 -8.02 14.91
CA ALA D 2 -0.54 -6.85 15.50
C ALA D 2 0.43 -5.66 15.58
N CYS D 3 1.18 -5.43 14.50
CA CYS D 3 2.22 -4.41 14.49
C CYS D 3 1.61 -3.03 14.23
N LYS D 4 2.46 -2.05 13.92
CA LYS D 4 2.02 -0.67 13.86
C LYS D 4 2.77 0.07 12.76
N THR D 5 2.20 1.20 12.34
CA THR D 5 2.84 2.18 11.48
C THR D 5 3.65 3.13 12.36
N ALA D 6 4.68 3.76 11.79
CA ALA D 6 5.53 4.70 12.52
C ALA D 6 4.77 5.90 13.06
N SER D 7 3.69 6.32 12.42
CA SER D 7 2.83 7.35 12.99
C SER D 7 2.02 6.82 14.16
N GLY D 8 1.84 5.50 14.26
CA GLY D 8 1.19 4.89 15.40
C GLY D 8 -0.16 4.28 15.10
N THR D 9 -0.37 3.80 13.89
CA THR D 9 -1.67 3.29 13.49
C THR D 9 -1.91 1.90 14.10
N ALA D 10 -3.12 1.70 14.62
CA ALA D 10 -3.51 0.43 15.22
C ALA D 10 -3.91 -0.53 14.11
N ILE D 11 -3.06 -1.53 13.86
CA ILE D 11 -3.32 -2.54 12.83
C ILE D 11 -3.87 -3.78 13.53
N PRO D 12 -5.13 -4.15 13.31
CA PRO D 12 -5.69 -5.34 13.95
C PRO D 12 -5.45 -6.60 13.13
N ILE D 13 -5.48 -7.73 13.82
CA ILE D 13 -5.29 -9.03 13.18
C ILE D 13 -6.62 -9.54 12.67
N GLY D 14 -6.65 -9.93 11.39
CA GLY D 14 -7.85 -10.48 10.78
C GLY D 14 -9.00 -9.50 10.62
N ALA D 15 -8.70 -8.24 10.30
CA ALA D 15 -9.73 -7.24 10.15
C ALA D 15 -10.23 -7.10 8.71
N ALA D 16 -9.72 -7.93 7.80
CA ALA D 16 -10.03 -7.92 6.36
C ALA D 16 -9.76 -6.56 5.74
N SER D 17 -10.79 -5.72 5.64
CA SER D 17 -10.67 -4.37 5.10
C SER D 17 -9.93 -3.53 6.12
N ALA D 18 -8.62 -3.38 5.91
CA ALA D 18 -7.74 -2.72 6.86
C ALA D 18 -7.65 -1.23 6.56
N ASN D 19 -7.98 -0.41 7.56
CA ASN D 19 -7.83 1.04 7.46
C ASN D 19 -6.54 1.43 8.14
N VAL D 20 -5.42 1.20 7.46
CA VAL D 20 -4.09 1.53 7.98
C VAL D 20 -3.60 2.75 7.23
N TYR D 21 -3.08 3.74 7.96
CA TYR D 21 -2.74 5.04 7.42
C TYR D 21 -1.23 5.22 7.47
N VAL D 22 -0.61 5.51 6.32
CA VAL D 22 0.83 5.65 6.18
C VAL D 22 1.16 7.05 5.67
N ASN D 23 2.46 7.33 5.56
CA ASN D 23 2.93 8.61 5.04
C ASN D 23 3.47 8.47 3.61
N LEU D 24 3.28 9.53 2.83
CA LEU D 24 3.77 9.58 1.46
C LEU D 24 5.23 10.02 1.42
N ALA D 25 5.99 9.43 0.49
CA ALA D 25 7.40 9.78 0.28
C ALA D 25 7.69 9.80 -1.21
N PRO D 26 7.59 10.97 -1.85
CA PRO D 26 7.83 11.04 -3.30
C PRO D 26 9.30 11.28 -3.63
N ALA D 27 9.76 10.67 -4.72
CA ALA D 27 11.10 10.89 -5.25
C ALA D 27 11.08 10.58 -6.75
N VAL D 28 12.25 10.54 -7.36
CA VAL D 28 12.37 10.21 -8.78
C VAL D 28 13.51 9.21 -8.99
N ASN D 29 13.23 8.16 -9.74
CA ASN D 29 14.23 7.25 -10.29
C ASN D 29 14.11 7.29 -11.81
N VAL D 30 15.06 6.65 -12.49
CA VAL D 30 15.05 6.63 -13.95
C VAL D 30 13.84 5.79 -14.41
N GLY D 31 12.93 6.46 -15.12
CA GLY D 31 11.67 5.84 -15.51
C GLY D 31 10.72 5.55 -14.37
N GLN D 32 10.90 6.17 -13.21
CA GLN D 32 10.05 5.85 -12.06
C GLN D 32 9.77 7.10 -11.24
N ASN D 33 8.55 7.19 -10.72
CA ASN D 33 8.16 8.30 -9.85
C ASN D 33 7.74 7.72 -8.51
N LEU D 34 8.58 7.89 -7.48
CA LEU D 34 8.38 7.26 -6.18
C LEU D 34 7.20 7.94 -5.47
N VAL D 35 6.08 7.24 -5.42
CA VAL D 35 4.86 7.76 -4.82
C VAL D 35 4.95 7.72 -3.30
N VAL D 36 5.22 6.54 -2.75
CA VAL D 36 5.04 6.29 -1.33
C VAL D 36 6.06 5.24 -0.89
N ASP D 37 6.56 5.40 0.34
CA ASP D 37 7.44 4.42 0.98
C ASP D 37 6.69 3.79 2.14
N LEU D 38 6.27 2.54 1.95
CA LEU D 38 5.69 1.74 3.02
C LEU D 38 6.75 1.11 3.91
N SER D 39 8.02 1.11 3.47
CA SER D 39 9.10 0.55 4.26
C SER D 39 9.48 1.46 5.43
N THR D 40 9.54 2.77 5.18
CA THR D 40 9.98 3.72 6.20
C THR D 40 8.86 4.17 7.12
N GLN D 41 7.64 3.66 6.94
CA GLN D 41 6.51 3.97 7.81
C GLN D 41 5.94 2.74 8.51
N ILE D 42 5.88 1.60 7.83
CA ILE D 42 5.36 0.37 8.42
C ILE D 42 6.55 -0.46 8.88
N PHE D 43 6.82 -0.43 10.18
CA PHE D 43 7.81 -1.30 10.79
C PHE D 43 7.08 -2.35 11.61
N CYS D 44 7.36 -3.62 11.35
CA CYS D 44 6.60 -4.70 11.97
C CYS D 44 7.52 -5.75 12.55
N HIS D 45 6.89 -6.77 13.13
CA HIS D 45 7.54 -7.91 13.76
C HIS D 45 6.51 -9.03 13.86
N ASN D 46 6.81 -10.05 14.67
CA ASN D 46 5.88 -11.13 14.96
C ASN D 46 5.39 -11.00 16.40
N ASP D 47 4.08 -11.16 16.59
CA ASP D 47 3.48 -10.97 17.91
C ASP D 47 3.78 -12.12 18.86
N TYR D 48 3.91 -13.34 18.36
CA TYR D 48 4.17 -14.52 19.17
C TYR D 48 5.42 -15.21 18.62
N PRO D 49 6.61 -14.75 19.04
CA PRO D 49 7.85 -15.27 18.44
C PRO D 49 8.20 -16.68 18.89
N GLU D 50 9.28 -17.21 18.29
CA GLU D 50 9.94 -18.51 18.54
C GLU D 50 9.11 -19.72 18.13
N THR D 51 7.87 -19.53 17.64
CA THR D 51 7.06 -20.64 17.16
C THR D 51 6.39 -20.36 15.82
N ILE D 52 6.35 -19.11 15.37
CA ILE D 52 5.67 -18.76 14.14
C ILE D 52 6.58 -17.82 13.35
N THR D 53 6.36 -17.74 12.04
CA THR D 53 7.12 -16.87 11.17
C THR D 53 6.14 -16.16 10.24
N ASP D 54 6.25 -14.84 10.14
CA ASP D 54 5.35 -14.04 9.33
C ASP D 54 5.90 -13.95 7.91
N TYR D 55 5.28 -14.68 6.98
CA TYR D 55 5.54 -14.51 5.56
C TYR D 55 4.40 -13.69 4.96
N VAL D 56 4.73 -12.68 4.17
CA VAL D 56 3.73 -11.85 3.51
C VAL D 56 3.93 -11.92 2.01
N THR D 57 2.87 -12.32 1.30
CA THR D 57 2.89 -12.39 -0.16
C THR D 57 1.75 -11.53 -0.68
N LEU D 58 2.03 -10.71 -1.70
CA LEU D 58 1.02 -9.77 -2.18
C LEU D 58 0.05 -10.50 -3.10
N GLN D 59 -1.21 -10.60 -2.67
CA GLN D 59 -2.25 -11.33 -3.38
C GLN D 59 -2.77 -10.50 -4.56
N ARG D 60 -3.36 -11.18 -5.54
CA ARG D 60 -3.71 -10.59 -6.82
C ARG D 60 -4.83 -9.56 -6.72
N GLY D 61 -4.87 -8.65 -7.70
CA GLY D 61 -5.95 -7.70 -7.87
C GLY D 61 -5.63 -6.26 -7.54
N SER D 62 -4.41 -5.98 -7.11
CA SER D 62 -4.07 -4.73 -6.40
C SER D 62 -3.67 -3.64 -7.38
N ALA D 63 -4.28 -2.45 -7.24
CA ALA D 63 -3.87 -1.23 -7.94
C ALA D 63 -3.91 -0.05 -6.97
N TYR D 64 -3.74 1.16 -7.51
CA TYR D 64 -3.86 2.38 -6.72
C TYR D 64 -5.34 2.68 -6.47
N GLY D 65 -5.61 3.65 -5.60
CA GLY D 65 -6.99 3.96 -5.25
C GLY D 65 -7.24 5.45 -5.24
N GLY D 66 -8.47 5.81 -4.89
CA GLY D 66 -8.84 7.22 -4.85
C GLY D 66 -9.30 7.71 -6.22
N VAL D 67 -8.63 8.76 -6.70
CA VAL D 67 -8.95 9.31 -8.01
C VAL D 67 -8.23 8.56 -9.14
N LEU D 68 -7.15 7.84 -8.83
CA LEU D 68 -6.31 7.19 -9.84
C LEU D 68 -6.95 5.87 -10.25
N SER D 69 -7.47 5.81 -11.47
CA SER D 69 -8.14 4.62 -11.99
C SER D 69 -7.34 3.94 -13.09
N SER D 70 -6.99 4.66 -14.15
CA SER D 70 -6.19 4.09 -15.24
C SER D 70 -4.71 4.45 -15.11
N PHE D 71 -4.13 4.22 -13.93
CA PHE D 71 -2.74 4.55 -13.67
C PHE D 71 -2.04 3.35 -13.04
N SER D 72 -0.86 3.01 -13.57
CA SER D 72 -0.15 1.81 -13.19
C SER D 72 1.33 2.10 -12.99
N GLY D 73 1.99 1.31 -12.16
CA GLY D 73 3.42 1.48 -11.95
C GLY D 73 4.20 0.24 -11.53
N THR D 74 5.08 0.42 -10.57
CA THR D 74 6.07 -0.58 -10.20
C THR D 74 6.06 -0.73 -8.68
N VAL D 75 6.30 -1.95 -8.21
CA VAL D 75 6.45 -2.21 -6.78
C VAL D 75 7.86 -2.74 -6.53
N LYS D 76 8.53 -2.18 -5.52
CA LYS D 76 9.79 -2.71 -5.01
C LYS D 76 9.45 -3.47 -3.74
N TYR D 77 9.36 -4.78 -3.85
CA TYR D 77 8.98 -5.67 -2.74
C TYR D 77 10.23 -6.48 -2.41
N SER D 78 10.93 -6.07 -1.35
CA SER D 78 12.20 -6.66 -0.89
C SER D 78 13.27 -6.62 -1.99
N GLY D 79 13.67 -5.40 -2.34
CA GLY D 79 14.80 -5.19 -3.23
C GLY D 79 14.49 -5.13 -4.71
N SER D 80 14.17 -6.27 -5.32
CA SER D 80 13.93 -6.32 -6.75
C SER D 80 12.57 -5.71 -7.09
N SER D 81 12.42 -5.31 -8.35
CA SER D 81 11.23 -4.60 -8.83
C SER D 81 10.33 -5.55 -9.61
N TYR D 82 9.02 -5.30 -9.51
CA TYR D 82 7.96 -6.10 -10.10
C TYR D 82 6.89 -5.15 -10.64
N PRO D 83 6.09 -5.58 -11.61
CA PRO D 83 5.02 -4.71 -12.09
C PRO D 83 3.87 -4.58 -11.10
N PHE D 84 3.04 -3.56 -11.33
CA PHE D 84 1.92 -3.25 -10.46
C PHE D 84 0.91 -2.56 -11.37
N PRO D 85 -0.28 -3.15 -11.61
CA PRO D 85 -1.05 -4.23 -10.99
C PRO D 85 -0.51 -5.65 -11.16
N THR D 86 -1.21 -6.57 -10.52
CA THR D 86 -0.70 -7.92 -10.27
C THR D 86 -1.01 -8.85 -11.43
N THR D 87 0.00 -9.15 -12.24
CA THR D 87 -0.04 -10.28 -13.15
C THR D 87 0.42 -11.57 -12.49
N SER D 88 0.97 -11.48 -11.28
CA SER D 88 1.64 -12.58 -10.62
C SER D 88 1.68 -12.30 -9.12
N GLU D 89 2.56 -13.02 -8.43
CA GLU D 89 2.75 -12.84 -6.99
C GLU D 89 4.24 -12.72 -6.67
N THR D 90 4.59 -11.68 -5.90
CA THR D 90 5.96 -11.37 -5.57
C THR D 90 6.51 -12.37 -4.55
N PRO D 91 7.84 -12.50 -4.44
CA PRO D 91 8.41 -13.35 -3.38
C PRO D 91 8.14 -12.81 -1.98
N ARG D 92 8.43 -13.65 -1.01
CA ARG D 92 8.05 -13.42 0.37
C ARG D 92 8.99 -12.43 1.06
N VAL D 93 8.59 -11.99 2.24
CA VAL D 93 9.42 -11.19 3.13
C VAL D 93 9.49 -11.92 4.47
N VAL D 94 10.72 -12.20 4.92
CA VAL D 94 10.92 -12.97 6.14
C VAL D 94 10.80 -12.05 7.36
N TYR D 95 9.99 -12.47 8.33
CA TYR D 95 9.86 -11.80 9.62
C TYR D 95 10.05 -12.84 10.71
N ASN D 96 11.18 -12.77 11.42
CA ASN D 96 11.48 -13.77 12.45
C ASN D 96 12.09 -13.21 13.72
N SER D 97 12.11 -11.88 13.90
CA SER D 97 12.72 -11.30 15.09
C SER D 97 11.84 -10.16 15.61
N ARG D 98 12.03 -9.84 16.89
CA ARG D 98 11.34 -8.72 17.53
C ARG D 98 12.15 -7.46 17.25
N THR D 99 12.09 -7.00 16.00
CA THR D 99 12.88 -5.86 15.55
C THR D 99 12.03 -5.08 14.56
N ASP D 100 11.91 -3.77 14.78
CA ASP D 100 11.11 -2.90 13.91
C ASP D 100 11.94 -2.51 12.69
N LYS D 101 12.15 -3.49 11.78
CA LYS D 101 12.85 -3.31 10.53
C LYS D 101 11.89 -2.80 9.46
N PRO D 102 12.39 -2.15 8.40
CA PRO D 102 11.53 -1.76 7.29
C PRO D 102 10.90 -2.96 6.58
N TRP D 103 9.68 -2.75 6.10
CA TRP D 103 8.88 -3.82 5.52
C TRP D 103 9.04 -3.88 4.00
N VAL D 105 9.42 -1.99 0.98
CA VAL D 105 8.41 -1.90 -0.07
C VAL D 105 8.24 -0.46 -0.50
N ALA D 106 8.29 -0.22 -1.79
CA ALA D 106 8.10 1.12 -2.36
C ALA D 106 7.19 1.02 -3.57
N LEU D 107 6.40 2.05 -3.80
CA LEU D 107 5.56 2.12 -4.99
C LEU D 107 6.00 3.26 -5.90
N TYR D 108 6.10 2.96 -7.19
CA TYR D 108 6.59 3.86 -8.22
C TYR D 108 5.54 3.97 -9.31
N LEU D 109 5.57 5.08 -10.04
CA LEU D 109 4.60 5.34 -11.10
C LEU D 109 5.35 5.57 -12.40
N THR D 110 4.89 4.94 -13.47
CA THR D 110 5.53 5.06 -14.78
C THR D 110 5.12 6.37 -15.44
N PRO D 111 6.07 7.15 -15.96
CA PRO D 111 5.76 8.51 -16.42
C PRO D 111 4.98 8.54 -17.73
N VAL D 112 3.88 9.28 -17.72
CA VAL D 112 3.05 9.50 -18.91
C VAL D 112 3.21 10.92 -19.42
N SER D 113 3.27 11.90 -18.52
CA SER D 113 3.45 13.29 -18.90
C SER D 113 4.94 13.65 -18.87
N SER D 114 5.27 14.93 -19.02
CA SER D 114 6.66 15.37 -18.99
C SER D 114 7.13 15.60 -17.55
N ALA D 115 6.46 16.50 -16.83
CA ALA D 115 6.79 16.75 -15.44
C ALA D 115 5.55 16.98 -14.58
N GLY D 116 4.37 16.55 -15.04
CA GLY D 116 3.13 16.81 -14.34
C GLY D 116 2.97 15.97 -13.10
N GLY D 117 1.87 16.22 -12.37
CA GLY D 117 1.65 15.56 -11.11
C GLY D 117 0.18 15.48 -10.75
N VAL D 118 -0.08 14.92 -9.56
CA VAL D 118 -1.41 14.69 -9.05
C VAL D 118 -1.48 15.20 -7.62
N ALA D 119 -2.58 15.84 -7.25
CA ALA D 119 -2.83 16.21 -5.88
C ALA D 119 -3.57 15.10 -5.15
N ILE D 120 -3.10 14.75 -3.96
CA ILE D 120 -3.70 13.70 -3.15
C ILE D 120 -4.26 14.35 -1.89
N LYS D 121 -5.52 14.10 -1.59
CA LYS D 121 -6.13 14.58 -0.36
C LYS D 121 -5.87 13.61 0.77
N ALA D 122 -6.12 14.07 2.00
CA ALA D 122 -6.05 13.19 3.15
C ALA D 122 -7.33 12.37 3.24
N GLY D 123 -7.21 11.10 3.59
CA GLY D 123 -8.37 10.24 3.65
C GLY D 123 -8.80 9.67 2.32
N SER D 124 -8.12 10.03 1.24
CA SER D 124 -8.32 9.34 -0.03
C SER D 124 -7.52 8.05 -0.01
N LEU D 125 -8.03 7.06 -0.73
CA LEU D 125 -7.36 5.78 -0.85
C LEU D 125 -6.09 5.93 -1.68
N ILE D 126 -5.00 5.29 -1.28
CA ILE D 126 -3.81 5.25 -2.11
C ILE D 126 -3.34 3.84 -2.41
N ALA D 127 -3.92 2.81 -1.78
CA ALA D 127 -3.57 1.44 -2.14
C ALA D 127 -4.75 0.51 -1.81
N VAL D 128 -4.99 -0.42 -2.73
CA VAL D 128 -6.15 -1.31 -2.70
C VAL D 128 -5.57 -2.70 -2.44
N LEU D 129 -4.52 -2.74 -1.62
CA LEU D 129 -3.64 -3.90 -1.60
C LEU D 129 -4.27 -5.12 -0.92
N ILE D 130 -4.55 -6.17 -1.69
CA ILE D 130 -4.94 -7.45 -1.11
C ILE D 130 -3.67 -8.24 -0.83
N LEU D 131 -3.46 -8.63 0.42
CA LEU D 131 -2.26 -9.32 0.86
C LEU D 131 -2.57 -10.77 1.23
N ARG D 132 -1.55 -11.46 1.72
CA ARG D 132 -1.71 -12.84 2.19
C ARG D 132 -0.65 -13.11 3.24
N GLN D 133 -1.06 -13.50 4.44
CA GLN D 133 -0.13 -13.84 5.50
C GLN D 133 -0.05 -15.35 5.63
N THR D 134 1.16 -15.89 5.50
CA THR D 134 1.41 -17.32 5.48
C THR D 134 2.41 -17.66 6.58
N ASN D 135 2.11 -18.71 7.33
CA ASN D 135 2.96 -19.21 8.40
C ASN D 135 3.97 -20.20 7.82
N ASN D 136 4.66 -20.93 8.68
CA ASN D 136 5.65 -21.90 8.25
C ASN D 136 5.30 -23.31 8.75
N TYR D 137 4.52 -23.38 9.82
CA TYR D 137 4.13 -24.68 10.37
C TYR D 137 3.10 -25.38 9.50
N ASN D 138 2.12 -24.63 8.99
CA ASN D 138 1.06 -25.18 8.16
C ASN D 138 0.92 -24.38 6.88
N SER D 139 0.58 -25.05 5.79
CA SER D 139 0.41 -24.41 4.49
C SER D 139 -1.00 -23.82 4.41
N ASP D 140 -1.17 -22.68 5.07
CA ASP D 140 -2.45 -21.99 5.09
C ASP D 140 -2.32 -20.62 4.43
N ASP D 141 -3.44 -19.92 4.28
CA ASP D 141 -3.44 -18.60 3.67
C ASP D 141 -4.53 -17.74 4.30
N PHE D 142 -4.32 -16.44 4.27
CA PHE D 142 -5.24 -15.46 4.81
C PHE D 142 -5.74 -14.56 3.68
N GLN D 143 -6.56 -13.57 4.05
CA GLN D 143 -7.07 -12.61 3.09
C GLN D 143 -7.30 -11.27 3.80
N PHE D 144 -6.34 -10.37 3.68
CA PHE D 144 -6.47 -9.01 4.19
C PHE D 144 -6.53 -8.04 3.03
N VAL D 145 -7.39 -7.04 3.15
CA VAL D 145 -7.54 -5.98 2.16
C VAL D 145 -7.07 -4.71 2.83
N TRP D 146 -5.79 -4.38 2.69
CA TRP D 146 -5.28 -3.12 3.19
C TRP D 146 -5.76 -2.02 2.24
N ASN D 147 -6.83 -1.33 2.65
CA ASN D 147 -7.21 -0.09 1.98
C ASN D 147 -6.37 1.04 2.58
N ILE D 148 -5.15 1.18 2.08
CA ILE D 148 -4.18 2.13 2.60
C ILE D 148 -4.58 3.52 2.10
N TYR D 149 -4.76 4.45 3.04
CA TYR D 149 -5.05 5.84 2.71
C TYR D 149 -3.79 6.68 2.86
N ALA D 150 -3.94 8.00 2.73
CA ALA D 150 -2.84 8.94 2.82
C ALA D 150 -3.04 9.87 4.01
N ASN D 151 -1.92 10.29 4.60
CA ASN D 151 -1.92 11.20 5.75
C ASN D 151 -1.45 12.59 5.37
N ASN D 152 -0.25 12.69 4.80
CA ASN D 152 0.27 13.95 4.30
C ASN D 152 -0.12 14.13 2.84
N ASP D 153 -0.15 15.38 2.41
CA ASP D 153 -0.55 15.72 1.04
C ASP D 153 0.65 16.37 0.35
N VAL D 154 1.36 15.57 -0.44
CA VAL D 154 2.48 16.04 -1.24
C VAL D 154 2.21 15.68 -2.70
N VAL D 155 2.78 16.46 -3.60
CA VAL D 155 2.51 16.30 -5.02
C VAL D 155 3.36 15.16 -5.56
N VAL D 156 2.70 14.09 -5.98
CA VAL D 156 3.37 12.92 -6.56
C VAL D 156 3.44 13.14 -8.07
N PRO D 157 4.64 13.12 -8.66
CA PRO D 157 4.76 13.44 -10.09
C PRO D 157 4.20 12.33 -10.98
N THR D 158 3.49 12.74 -12.05
CA THR D 158 3.11 11.84 -13.13
C THR D 158 4.00 11.99 -14.36
N GLY D 159 5.05 12.80 -14.28
CA GLY D 159 5.93 13.05 -15.41
C GLY D 159 7.29 12.39 -15.26
N GLY D 160 8.13 12.63 -16.26
CA GLY D 160 9.45 12.03 -16.32
C GLY D 160 10.50 12.67 -15.44
N CYS D 161 10.16 13.79 -14.79
CA CYS D 161 11.08 14.45 -13.86
C CYS D 161 10.37 14.69 -12.53
N ASP D 162 11.02 15.43 -11.63
CA ASP D 162 10.44 15.77 -10.34
C ASP D 162 10.47 17.29 -10.16
N VAL D 163 9.33 17.84 -9.77
CA VAL D 163 9.19 19.28 -9.55
C VAL D 163 8.91 19.50 -8.06
N SER D 164 9.76 20.29 -7.41
CA SER D 164 9.61 20.56 -5.99
C SER D 164 10.20 21.92 -5.63
N ASP E 1 -22.29 9.80 17.77
CA ASP E 1 -20.86 10.06 17.80
C ASP E 1 -20.17 9.27 18.91
N ILE E 2 -19.07 9.79 19.41
CA ILE E 2 -18.30 9.16 20.48
C ILE E 2 -18.11 10.17 21.58
N VAL E 3 -18.47 9.79 22.81
CA VAL E 3 -18.28 10.62 23.99
C VAL E 3 -17.23 9.95 24.87
N LEU E 4 -16.52 10.74 25.67
CA LEU E 4 -15.48 10.24 26.56
C LEU E 4 -15.91 10.44 28.01
N THR E 5 -15.84 9.38 28.80
CA THR E 5 -16.20 9.40 30.21
C THR E 5 -14.97 9.16 31.05
N GLN E 6 -14.77 9.99 32.07
CA GLN E 6 -13.65 9.87 32.98
C GLN E 6 -14.10 9.26 34.30
N SER E 7 -13.17 8.58 34.97
CA SER E 7 -13.47 7.97 36.27
C SER E 7 -12.21 7.87 37.11
N PRO E 8 -12.14 8.53 38.28
CA PRO E 8 -13.16 9.42 38.84
C PRO E 8 -13.02 10.86 38.35
N ALA E 9 -13.96 11.73 38.72
CA ALA E 9 -13.85 13.13 38.36
C ALA E 9 -12.78 13.83 39.18
N THR E 10 -12.78 13.62 40.49
CA THR E 10 -11.81 14.22 41.40
C THR E 10 -11.31 13.16 42.37
N LEU E 11 -10.05 13.29 42.78
CA LEU E 11 -9.45 12.37 43.73
C LEU E 11 -8.27 13.07 44.41
N SER E 12 -8.38 13.26 45.72
CA SER E 12 -7.30 13.81 46.52
C SER E 12 -6.42 12.66 47.01
N VAL E 13 -5.13 12.71 46.68
CA VAL E 13 -4.21 11.62 46.96
C VAL E 13 -2.99 12.17 47.70
N THR E 14 -2.57 11.44 48.73
CA THR E 14 -1.34 11.77 49.44
C THR E 14 -0.15 11.56 48.52
N PRO E 15 0.78 12.52 48.43
CA PRO E 15 1.95 12.34 47.57
C PRO E 15 2.88 11.23 48.06
N GLY E 16 3.58 10.61 47.12
CA GLY E 16 4.48 9.51 47.39
C GLY E 16 3.98 8.15 46.96
N GLU E 17 2.70 8.02 46.59
CA GLU E 17 2.13 6.76 46.17
C GLU E 17 2.07 6.68 44.65
N SER E 18 1.44 5.62 44.15
CA SER E 18 1.23 5.42 42.72
C SER E 18 -0.25 5.55 42.39
N VAL E 19 -0.54 6.29 41.33
CA VAL E 19 -1.92 6.62 40.95
C VAL E 19 -2.20 6.07 39.57
N SER E 20 -3.48 5.77 39.30
CA SER E 20 -3.93 5.27 38.00
C SER E 20 -5.27 5.91 37.68
N LEU E 21 -5.42 6.39 36.45
CA LEU E 21 -6.66 6.98 35.97
C LEU E 21 -7.12 6.30 34.69
N PHE E 22 -8.42 6.39 34.43
CA PHE E 22 -9.05 5.65 33.34
C PHE E 22 -9.92 6.57 32.49
N CYS E 23 -9.96 6.28 31.19
CA CYS E 23 -10.84 6.96 30.25
C CYS E 23 -11.58 5.92 29.43
N ARG E 24 -12.88 6.09 29.27
CA ARG E 24 -13.73 5.14 28.56
C ARG E 24 -14.38 5.83 27.37
N ALA E 25 -14.29 5.19 26.20
CA ALA E 25 -14.91 5.67 24.98
C ALA E 25 -16.23 4.95 24.74
N SER E 26 -16.99 5.46 23.76
CA SER E 26 -18.28 4.86 23.45
C SER E 26 -18.13 3.55 22.70
N GLN E 27 -17.16 3.47 21.79
CA GLN E 27 -17.03 2.30 20.92
C GLN E 27 -15.61 1.76 20.90
N THR E 28 -15.35 0.82 19.99
CA THR E 28 -14.01 0.27 19.82
C THR E 28 -13.09 1.32 19.23
N ILE E 29 -11.90 1.46 19.81
CA ILE E 29 -10.94 2.46 19.37
C ILE E 29 -9.58 1.86 19.00
N GLY E 30 -9.23 0.69 19.52
CA GLY E 30 -7.90 0.15 19.34
C GLY E 30 -6.98 0.61 20.44
N ASN E 31 -5.93 1.37 20.08
CA ASN E 31 -5.07 2.01 21.06
C ASN E 31 -4.90 3.50 20.77
N SER E 32 -5.79 4.05 19.94
CA SER E 32 -5.65 5.42 19.45
C SER E 32 -6.21 6.44 20.44
N LEU E 33 -5.64 6.46 21.63
CA LEU E 33 -6.04 7.36 22.71
C LEU E 33 -4.81 8.10 23.20
N HIS E 34 -4.97 9.39 23.51
CA HIS E 34 -3.88 10.22 23.99
C HIS E 34 -4.26 10.95 25.26
N TRP E 35 -3.26 11.50 25.94
CA TRP E 35 -3.43 12.15 27.23
C TRP E 35 -2.82 13.53 27.19
N TYR E 36 -3.32 14.43 28.04
CA TYR E 36 -2.76 15.77 28.22
C TYR E 36 -2.74 16.09 29.71
N GLN E 37 -1.76 16.89 30.11
CA GLN E 37 -1.57 17.28 31.50
C GLN E 37 -1.57 18.80 31.58
N GLN E 38 -2.55 19.36 32.29
CA GLN E 38 -2.58 20.81 32.51
C GLN E 38 -2.47 21.06 34.01
N LYS E 39 -1.28 21.45 34.45
CA LYS E 39 -1.00 21.62 35.87
C LYS E 39 -1.64 22.90 36.41
N SER E 40 -1.49 24.00 35.69
CA SER E 40 -1.99 25.30 36.12
C SER E 40 -2.50 26.03 34.89
N HIS E 41 -2.68 27.34 35.00
CA HIS E 41 -3.29 28.13 33.94
C HIS E 41 -2.33 28.30 32.76
N GLU E 42 -2.17 27.26 31.96
CA GLU E 42 -1.33 27.29 30.77
C GLU E 42 -1.91 26.31 29.75
N SER E 43 -1.19 26.10 28.65
CA SER E 43 -1.56 25.08 27.70
C SER E 43 -1.24 23.69 28.25
N PRO E 44 -2.15 22.73 28.09
CA PRO E 44 -1.85 21.36 28.51
C PRO E 44 -0.76 20.72 27.66
N ARG E 45 -0.05 19.76 28.25
CA ARG E 45 1.08 19.09 27.62
C ARG E 45 0.84 17.59 27.57
N LEU E 46 1.15 16.97 26.45
CA LEU E 46 0.90 15.54 26.26
C LEU E 46 1.90 14.72 27.05
N LEU E 47 1.49 13.52 27.45
CA LEU E 47 2.33 12.63 28.25
C LEU E 47 2.69 11.34 27.51
N ILE E 48 1.70 10.58 27.05
CA ILE E 48 1.91 9.27 26.45
C ILE E 48 1.21 9.26 25.09
N LYS E 49 1.94 8.92 24.04
CA LYS E 49 1.42 8.93 22.68
C LYS E 49 1.03 7.51 22.25
N TYR E 50 -0.24 7.36 21.85
CA TYR E 50 -0.85 6.10 21.41
C TYR E 50 -0.80 5.02 22.49
N SER E 51 -0.93 5.43 23.76
CA SER E 51 -1.21 4.60 24.93
C SER E 51 -0.09 3.62 25.31
N SER E 52 1.01 3.56 24.56
CA SER E 52 2.11 2.66 24.90
C SER E 52 3.46 3.35 24.74
N LEU E 53 3.51 4.41 23.94
CA LEU E 53 4.74 5.09 23.60
C LEU E 53 4.80 6.45 24.26
N SER E 54 6.00 6.85 24.68
CA SER E 54 6.23 8.13 25.31
C SER E 54 6.87 9.11 24.33
N ILE E 55 6.87 10.38 24.74
CA ILE E 55 7.50 11.45 23.96
C ILE E 55 8.77 11.88 24.70
N SER E 56 9.85 12.09 23.95
CA SER E 56 11.11 12.52 24.53
C SER E 56 11.01 13.93 25.08
N GLY E 57 11.64 14.17 26.22
CA GLY E 57 11.44 15.36 27.01
C GLY E 57 10.43 15.20 28.11
N ILE E 58 9.57 14.20 28.01
CA ILE E 58 8.64 13.83 29.08
C ILE E 58 9.20 12.59 29.77
N PRO E 59 9.32 12.58 31.10
CA PRO E 59 9.95 11.45 31.79
C PRO E 59 9.11 10.19 31.73
N SER E 60 9.74 9.08 32.12
CA SER E 60 9.12 7.77 32.07
C SER E 60 8.23 7.47 33.28
N ARG E 61 8.01 8.45 34.15
CA ARG E 61 7.10 8.27 35.29
C ARG E 61 5.64 8.15 34.86
N PHE E 62 5.30 8.60 33.65
CA PHE E 62 3.96 8.43 33.11
C PHE E 62 3.95 7.17 32.25
N SER E 63 3.04 6.25 32.55
CA SER E 63 2.94 5.00 31.80
C SER E 63 1.50 4.77 31.38
N GLY E 64 1.33 4.10 30.24
CA GLY E 64 0.02 3.81 29.72
C GLY E 64 -0.14 2.33 29.41
N SER E 65 -1.36 1.84 29.58
CA SER E 65 -1.65 0.44 29.32
C SER E 65 -3.12 0.29 28.96
N GLY E 66 -3.45 -0.86 28.37
CA GLY E 66 -4.81 -1.18 28.02
C GLY E 66 -5.08 -1.00 26.53
N SER E 67 -6.17 -1.63 26.09
CA SER E 67 -6.61 -1.56 24.70
C SER E 67 -8.10 -1.87 24.65
N GLY E 68 -8.71 -1.58 23.51
CA GLY E 68 -10.12 -1.83 23.34
C GLY E 68 -11.00 -0.64 23.66
N THR E 69 -11.55 -0.61 24.86
CA THR E 69 -12.36 0.52 25.32
C THR E 69 -11.81 1.16 26.58
N ASP E 70 -11.12 0.41 27.42
CA ASP E 70 -10.60 0.91 28.69
C ASP E 70 -9.10 1.12 28.59
N PHE E 71 -8.62 2.21 29.20
CA PHE E 71 -7.20 2.52 29.23
C PHE E 71 -6.81 2.95 30.64
N THR E 72 -5.51 2.86 30.94
CA THR E 72 -4.98 3.22 32.24
C THR E 72 -3.74 4.08 32.04
N LEU E 73 -3.75 5.27 32.62
CA LEU E 73 -2.57 6.12 32.71
C LEU E 73 -2.15 6.18 34.17
N SER E 74 -0.92 5.75 34.45
CA SER E 74 -0.44 5.58 35.80
C SER E 74 0.84 6.38 36.02
N ILE E 75 0.99 6.87 37.25
CA ILE E 75 2.21 7.52 37.72
C ILE E 75 2.72 6.72 38.91
N ASN E 76 3.96 6.25 38.83
CA ASN E 76 4.51 5.41 39.90
C ASN E 76 4.85 6.21 41.15
N SER E 77 5.38 7.42 40.99
CA SER E 77 5.74 8.28 42.11
C SER E 77 5.27 9.69 41.80
N VAL E 78 4.47 10.25 42.69
CA VAL E 78 3.92 11.59 42.52
C VAL E 78 4.60 12.54 43.50
N GLU E 79 4.64 13.82 43.14
CA GLU E 79 5.22 14.85 44.00
C GLU E 79 4.42 16.14 43.93
N THR E 80 5.00 17.24 44.40
CA THR E 80 4.30 18.52 44.50
C THR E 80 4.27 19.30 43.20
N GLU E 81 4.55 18.68 42.05
CA GLU E 81 4.59 19.40 40.78
C GLU E 81 3.68 18.81 39.71
N ASP E 82 3.03 17.67 39.94
CA ASP E 82 2.19 17.06 38.91
C ASP E 82 0.70 17.19 39.18
N PHE E 83 0.29 17.99 40.16
CA PHE E 83 -1.12 18.20 40.43
C PHE E 83 -1.73 19.03 39.30
N GLY E 84 -2.96 18.69 38.94
CA GLY E 84 -3.61 19.35 37.83
C GLY E 84 -4.67 18.46 37.22
N VAL E 85 -5.03 18.76 35.97
CA VAL E 85 -6.11 18.06 35.30
C VAL E 85 -5.54 17.18 34.20
N PHE E 86 -6.10 15.98 34.09
CA PHE E 86 -5.78 15.00 33.06
C PHE E 86 -6.85 15.05 31.99
N PHE E 87 -6.43 15.07 30.73
CA PHE E 87 -7.33 15.09 29.59
C PHE E 87 -7.10 13.82 28.78
N CYS E 88 -8.17 13.13 28.41
CA CYS E 88 -8.07 11.99 27.52
C CYS E 88 -8.71 12.36 26.18
N GLN E 89 -8.18 11.79 25.10
CA GLN E 89 -8.53 12.21 23.75
C GLN E 89 -8.66 10.99 22.85
N GLN E 90 -9.79 10.93 22.16
CA GLN E 90 -10.12 9.87 21.21
C GLN E 90 -9.94 10.37 19.79
N SER E 91 -9.31 9.55 18.95
CA SER E 91 -9.00 9.93 17.58
C SER E 91 -9.27 8.78 16.63
N HIS E 92 -10.42 8.14 16.77
CA HIS E 92 -10.76 7.01 15.90
C HIS E 92 -11.51 7.47 14.64
N ASN E 93 -12.72 7.99 14.80
CA ASN E 93 -13.55 8.42 13.69
C ASN E 93 -13.99 9.86 13.89
N TRP E 94 -14.12 10.61 12.79
CA TRP E 94 -14.56 11.99 12.83
C TRP E 94 -16.03 12.07 13.25
N PRO E 95 -16.45 13.15 13.94
CA PRO E 95 -15.68 14.27 14.50
C PRO E 95 -15.10 13.99 15.88
N ILE E 96 -14.28 14.92 16.38
CA ILE E 96 -13.58 14.73 17.65
C ILE E 96 -14.37 15.38 18.78
N THR E 97 -14.72 14.59 19.79
CA THR E 97 -15.36 15.07 21.01
C THR E 97 -14.53 14.59 22.22
N PHE E 98 -14.13 15.54 23.05
CA PHE E 98 -13.16 15.29 24.10
C PHE E 98 -13.83 14.71 25.35
N GLY E 99 -13.09 14.70 26.46
CA GLY E 99 -13.61 14.33 27.75
C GLY E 99 -13.59 15.49 28.72
N ALA E 100 -14.13 15.24 29.92
CA ALA E 100 -14.26 16.30 30.91
C ALA E 100 -12.93 16.65 31.55
N GLY E 101 -12.10 15.65 31.86
CA GLY E 101 -10.85 15.89 32.54
C GLY E 101 -10.93 15.57 34.02
N THR E 102 -9.91 14.89 34.54
CA THR E 102 -9.89 14.47 35.93
C THR E 102 -8.97 15.40 36.72
N LYS E 103 -9.50 16.00 37.77
CA LYS E 103 -8.72 16.89 38.63
C LYS E 103 -8.06 16.07 39.73
N LEU E 104 -6.72 16.12 39.78
CA LEU E 104 -5.95 15.50 40.85
C LEU E 104 -5.28 16.61 41.66
N GLU E 105 -5.55 16.62 42.96
CA GLU E 105 -5.07 17.62 43.88
C GLU E 105 -4.32 16.96 45.04
N LEU E 106 -3.56 17.76 45.77
CA LEU E 106 -2.71 17.27 46.84
C LEU E 106 -3.10 17.91 48.16
N ARG E 107 -3.12 17.09 49.22
CA ARG E 107 -3.36 17.60 50.56
C ARG E 107 -2.19 18.43 51.05
N ARG E 108 -2.51 19.52 51.73
CA ARG E 108 -1.48 20.43 52.25
C ARG E 108 -1.96 21.14 53.51
#